data_4Z04
#
_entry.id   4Z04
#
_cell.length_a   82.630
_cell.length_b   39.500
_cell.length_c   41.700
_cell.angle_alpha   90.000
_cell.angle_beta   116.290
_cell.angle_gamma   90.000
#
_symmetry.space_group_name_H-M   'C 1 2 1'
#
loop_
_entity.id
_entity.type
_entity.pdbx_description
1 polymer 'Glyoxalase/Bleomycin resistance /Dioxygenase superfamily protein'
2 non-polymer GLUTATHIONE
3 non-polymer 'ZINC ION'
4 non-polymer (4R)-2-METHYLPENTANE-2,4-DIOL
5 non-polymer (4S)-2-METHYL-2,4-PENTANEDIOL
6 water water
#
_entity_poly.entity_id   1
_entity_poly.type   'polypeptide(L)'
_entity_poly.pdbx_seq_one_letter_code
;MAHHHHHHMLDHIGFNIADMKKSRAFYDAALSPLGIGHAMEFGDWVGYGRNGKPEFWIGAQKGAKLEGVLHVAFSAGTRS
EVGRFYEAAIAAGGRDNGKPGLRPHYHPDYYAAFVLDPDGHNIEVVCHLPE
;
_entity_poly.pdbx_strand_id   A
#
loop_
_chem_comp.id
_chem_comp.type
_chem_comp.name
_chem_comp.formula
GSH non-polymer GLUTATHIONE 'C10 H17 N3 O6 S'
MPD non-polymer (4S)-2-METHYL-2,4-PENTANEDIOL 'C6 H14 O2'
MRD non-polymer (4R)-2-METHYLPENTANE-2,4-DIOL 'C6 H14 O2'
ZN non-polymer 'ZINC ION' 'Zn 2'
#
# COMPACT_ATOMS: atom_id res chain seq x y z
N HIS A 8 5.41 15.15 9.05
CA HIS A 8 5.85 14.09 8.15
C HIS A 8 6.72 14.67 7.05
N MET A 9 7.79 13.96 6.70
CA MET A 9 8.67 14.48 5.66
C MET A 9 8.25 14.06 4.24
N LEU A 10 7.56 12.93 4.10
CA LEU A 10 7.11 12.53 2.76
C LEU A 10 5.80 13.22 2.39
N ASP A 11 5.80 13.90 1.25
CA ASP A 11 4.58 14.53 0.76
C ASP A 11 3.79 13.58 -0.15
N HIS A 12 4.47 13.01 -1.14
CA HIS A 12 3.86 12.04 -2.03
C HIS A 12 4.92 11.26 -2.77
N ILE A 13 4.54 10.14 -3.37
CA ILE A 13 5.42 9.38 -4.25
C ILE A 13 4.63 8.97 -5.48
N GLY A 14 5.35 8.63 -6.55
CA GLY A 14 4.72 8.14 -7.75
C GLY A 14 5.65 7.24 -8.54
N PHE A 15 5.09 6.25 -9.21
CA PHE A 15 5.91 5.38 -10.05
C PHE A 15 5.01 4.65 -11.04
N ASN A 16 5.61 4.17 -12.12
CA ASN A 16 4.89 3.42 -13.13
C ASN A 16 4.90 1.92 -12.87
N ILE A 17 3.79 1.28 -13.20
CA ILE A 17 3.61 -0.15 -13.06
C ILE A 17 3.27 -0.75 -14.43
N ALA A 18 3.24 -2.08 -14.52
CA ALA A 18 3.09 -2.76 -15.81
C ALA A 18 1.69 -2.63 -16.40
N ASP A 19 0.68 -2.78 -15.55
CA ASP A 19 -0.70 -2.93 -16.00
C ASP A 19 -1.63 -2.22 -15.04
N MET A 20 -2.25 -1.13 -15.49
CA MET A 20 -3.07 -0.31 -14.62
C MET A 20 -4.30 -1.06 -14.07
N LYS A 21 -4.96 -1.84 -14.92
CA LYS A 21 -6.12 -2.59 -14.46
C LYS A 21 -5.76 -3.50 -13.27
N LYS A 22 -4.67 -4.25 -13.41
CA LYS A 22 -4.25 -5.17 -12.36
C LYS A 22 -3.82 -4.43 -11.09
N SER A 23 -3.00 -3.40 -11.24
CA SER A 23 -2.47 -2.68 -10.09
C SER A 23 -3.56 -1.86 -9.39
N ARG A 24 -4.43 -1.22 -10.17
CA ARG A 24 -5.53 -0.46 -9.60
C ARG A 24 -6.40 -1.37 -8.75
N ALA A 25 -6.66 -2.58 -9.24
CA ALA A 25 -7.49 -3.54 -8.53
C ALA A 25 -6.85 -3.94 -7.20
N PHE A 26 -5.54 -4.19 -7.23
CA PHE A 26 -4.79 -4.58 -6.04
C PHE A 26 -4.85 -3.49 -4.97
N TYR A 27 -4.48 -2.27 -5.35
CA TYR A 27 -4.43 -1.18 -4.40
C TYR A 27 -5.81 -0.73 -3.91
N ASP A 28 -6.81 -0.84 -4.77
CA ASP A 28 -8.20 -0.60 -4.36
C ASP A 28 -8.54 -1.52 -3.19
N ALA A 29 -8.23 -2.80 -3.36
CA ALA A 29 -8.55 -3.80 -2.35
C ALA A 29 -7.68 -3.66 -1.11
N ALA A 30 -6.38 -3.50 -1.32
CA ALA A 30 -5.42 -3.43 -0.22
C ALA A 30 -5.58 -2.21 0.66
N LEU A 31 -5.87 -1.06 0.05
CA LEU A 31 -5.89 0.21 0.80
C LEU A 31 -7.26 0.58 1.37
N SER A 32 -8.31 -0.04 0.85
CA SER A 32 -9.67 0.18 1.35
C SER A 32 -9.83 0.08 2.88
N PRO A 33 -9.24 -0.96 3.52
CA PRO A 33 -9.39 -1.03 4.99
C PRO A 33 -8.75 0.12 5.75
N LEU A 34 -7.89 0.89 5.09
CA LEU A 34 -7.24 2.04 5.72
C LEU A 34 -8.03 3.32 5.48
N GLY A 35 -9.18 3.21 4.82
CA GLY A 35 -10.00 4.36 4.49
C GLY A 35 -9.39 5.15 3.34
N ILE A 36 -8.60 4.45 2.53
CA ILE A 36 -7.88 5.07 1.43
C ILE A 36 -8.54 4.70 0.10
N GLY A 37 -8.81 5.71 -0.72
CA GLY A 37 -9.39 5.49 -2.03
C GLY A 37 -8.77 6.44 -3.05
N HIS A 38 -9.47 6.66 -4.16
CA HIS A 38 -8.96 7.57 -5.18
CA HIS A 38 -8.97 7.57 -5.19
C HIS A 38 -9.15 9.01 -4.76
N ALA A 39 -8.11 9.60 -4.18
CA ALA A 39 -8.16 10.98 -3.75
C ALA A 39 -8.25 11.88 -4.97
N MET A 40 -7.65 11.42 -6.07
CA MET A 40 -7.59 12.20 -7.30
C MET A 40 -7.13 11.36 -8.48
N GLU A 41 -7.62 11.68 -9.67
CA GLU A 41 -7.08 11.13 -10.90
C GLU A 41 -6.62 12.29 -11.79
N PHE A 42 -5.30 12.49 -11.84
CA PHE A 42 -4.73 13.59 -12.61
C PHE A 42 -4.09 13.00 -13.87
N GLY A 43 -4.67 13.33 -15.02
CA GLY A 43 -4.20 12.80 -16.28
C GLY A 43 -4.18 11.29 -16.34
N ASP A 44 -3.01 10.73 -16.61
CA ASP A 44 -2.86 9.28 -16.76
C ASP A 44 -2.39 8.63 -15.47
N TRP A 45 -2.55 9.33 -14.35
CA TRP A 45 -2.16 8.76 -13.07
C TRP A 45 -3.35 8.59 -12.15
N VAL A 46 -3.22 7.63 -11.23
CA VAL A 46 -4.22 7.38 -10.22
C VAL A 46 -3.59 7.67 -8.88
N GLY A 47 -4.20 8.59 -8.14
CA GLY A 47 -3.67 9.01 -6.85
C GLY A 47 -4.50 8.55 -5.67
N TYR A 48 -3.91 7.70 -4.85
CA TYR A 48 -4.56 7.22 -3.65
C TYR A 48 -4.26 8.14 -2.48
N GLY A 49 -5.28 8.34 -1.64
CA GLY A 49 -5.14 9.21 -0.51
C GLY A 49 -6.40 9.21 0.32
N ARG A 50 -6.35 9.91 1.44
CA ARG A 50 -7.52 10.03 2.27
CA ARG A 50 -7.45 10.02 2.38
C ARG A 50 -7.83 11.49 2.50
N ASN A 51 -9.12 11.78 2.63
CA ASN A 51 -9.62 13.15 2.76
C ASN A 51 -9.13 14.07 1.62
N GLY A 52 -9.30 13.60 0.39
CA GLY A 52 -8.97 14.38 -0.79
C GLY A 52 -7.50 14.70 -1.02
N LYS A 53 -6.63 14.16 -0.17
CA LYS A 53 -5.20 14.44 -0.25
C LYS A 53 -4.42 13.23 -0.78
N PRO A 54 -4.08 13.24 -2.08
CA PRO A 54 -3.37 12.09 -2.64
C PRO A 54 -1.90 12.05 -2.22
N GLU A 55 -1.43 10.87 -1.87
CA GLU A 55 -0.03 10.71 -1.48
C GLU A 55 0.67 9.63 -2.29
N PHE A 56 -0.10 8.75 -2.91
CA PHE A 56 0.46 7.54 -3.51
C PHE A 56 -0.05 7.42 -4.95
N TRP A 57 0.84 7.69 -5.90
CA TRP A 57 0.44 7.76 -7.31
C TRP A 57 1.02 6.60 -8.12
N ILE A 58 0.16 5.96 -8.91
CA ILE A 58 0.63 4.96 -9.85
C ILE A 58 0.27 5.37 -11.28
N GLY A 59 1.15 5.04 -12.21
CA GLY A 59 0.91 5.29 -13.61
C GLY A 59 1.21 4.04 -14.40
N ALA A 60 0.87 4.04 -15.68
CA ALA A 60 1.17 2.88 -16.52
C ALA A 60 1.72 3.30 -17.87
N GLN A 61 2.67 4.23 -17.86
CA GLN A 61 3.31 4.67 -19.10
C GLN A 61 4.09 3.53 -19.73
N LYS A 62 3.90 3.31 -21.02
CA LYS A 62 4.57 2.22 -21.73
C LYS A 62 6.08 2.34 -21.64
N GLY A 63 6.72 1.26 -21.20
CA GLY A 63 8.17 1.19 -21.11
C GLY A 63 8.79 1.86 -19.89
N ALA A 64 7.97 2.51 -19.08
CA ALA A 64 8.46 3.31 -17.97
C ALA A 64 8.38 2.64 -16.61
N LYS A 65 7.90 1.41 -16.55
CA LYS A 65 7.65 0.77 -15.25
C LYS A 65 8.91 0.64 -14.42
N LEU A 66 8.73 0.74 -13.11
CA LEU A 66 9.80 0.56 -12.17
C LEU A 66 10.23 -0.89 -12.20
N GLU A 67 11.54 -1.13 -12.14
CA GLU A 67 12.08 -2.48 -12.04
C GLU A 67 12.93 -2.56 -10.80
N GLY A 68 13.06 -3.75 -10.22
CA GLY A 68 13.62 -3.86 -8.88
C GLY A 68 12.51 -3.68 -7.85
N VAL A 69 12.83 -3.88 -6.58
CA VAL A 69 11.81 -3.86 -5.55
C VAL A 69 11.77 -2.53 -4.82
N LEU A 70 10.63 -1.85 -4.96
CA LEU A 70 10.34 -0.68 -4.14
C LEU A 70 9.63 -1.12 -2.85
N HIS A 71 10.02 -0.57 -1.71
CA HIS A 71 9.31 -0.81 -0.45
C HIS A 71 8.48 0.41 -0.13
N VAL A 72 7.17 0.22 0.03
CA VAL A 72 6.30 1.29 0.49
C VAL A 72 5.52 0.79 1.70
N ALA A 73 5.54 1.56 2.79
CA ALA A 73 4.77 1.22 3.98
C ALA A 73 3.73 2.29 4.24
N PHE A 74 2.48 1.86 4.43
CA PHE A 74 1.37 2.74 4.77
C PHE A 74 1.09 2.65 6.25
N SER A 75 0.62 3.76 6.82
CA SER A 75 0.35 3.86 8.25
CA SER A 75 0.36 3.88 8.25
C SER A 75 -1.04 3.36 8.61
N ALA A 76 -1.09 2.51 9.64
CA ALA A 76 -2.36 2.01 10.18
C ALA A 76 -2.58 2.59 11.58
N GLY A 77 -3.82 2.94 11.89
CA GLY A 77 -4.15 3.41 13.21
C GLY A 77 -4.35 2.30 14.23
N THR A 78 -4.64 1.09 13.74
CA THR A 78 -4.89 -0.06 14.62
C THR A 78 -4.28 -1.31 14.03
N ARG A 79 -4.07 -2.31 14.88
CA ARG A 79 -3.54 -3.58 14.42
C ARG A 79 -4.59 -4.33 13.59
N SER A 80 -5.86 -4.10 13.92
CA SER A 80 -6.96 -4.66 13.14
C SER A 80 -6.85 -4.25 11.67
N GLU A 81 -6.50 -2.97 11.45
CA GLU A 81 -6.33 -2.47 10.08
C GLU A 81 -5.21 -3.19 9.34
N VAL A 82 -4.12 -3.47 10.04
CA VAL A 82 -3.00 -4.23 9.47
C VAL A 82 -3.50 -5.58 8.98
N GLY A 83 -4.24 -6.29 9.83
CA GLY A 83 -4.78 -7.58 9.45
C GLY A 83 -5.74 -7.54 8.28
N ARG A 84 -6.57 -6.50 8.22
CA ARG A 84 -7.58 -6.37 7.17
CA ARG A 84 -7.57 -6.40 7.17
C ARG A 84 -6.93 -6.03 5.83
N PHE A 85 -5.88 -5.20 5.88
CA PHE A 85 -5.07 -4.92 4.69
C PHE A 85 -4.53 -6.24 4.16
N TYR A 86 -3.95 -7.03 5.05
CA TYR A 86 -3.30 -8.25 4.63
C TYR A 86 -4.28 -9.20 3.97
N GLU A 87 -5.41 -9.46 4.62
CA GLU A 87 -6.43 -10.35 4.07
C GLU A 87 -6.92 -9.88 2.70
N ALA A 88 -7.18 -8.58 2.60
CA ALA A 88 -7.70 -8.02 1.35
C ALA A 88 -6.66 -8.08 0.23
N ALA A 89 -5.40 -7.79 0.57
CA ALA A 89 -4.32 -7.78 -0.41
C ALA A 89 -4.04 -9.20 -0.93
N ILE A 90 -4.03 -10.17 -0.02
CA ILE A 90 -3.83 -11.56 -0.42
C ILE A 90 -4.98 -12.04 -1.31
N ALA A 91 -6.20 -11.70 -0.91
CA ALA A 91 -7.39 -12.13 -1.66
C ALA A 91 -7.40 -11.56 -3.07
N ALA A 92 -6.80 -10.38 -3.22
CA ALA A 92 -6.74 -9.70 -4.51
C ALA A 92 -5.58 -10.19 -5.37
N GLY A 93 -4.82 -11.16 -4.88
CA GLY A 93 -3.74 -11.73 -5.67
C GLY A 93 -2.35 -11.33 -5.24
N GLY A 94 -2.24 -10.55 -4.17
CA GLY A 94 -0.94 -10.25 -3.60
C GLY A 94 -0.24 -11.51 -3.12
N ARG A 95 1.09 -11.48 -3.12
CA ARG A 95 1.86 -12.62 -2.62
C ARG A 95 2.39 -12.34 -1.21
N ASP A 96 2.25 -13.32 -0.32
CA ASP A 96 2.72 -13.16 1.05
C ASP A 96 4.20 -12.79 1.11
N ASN A 97 4.53 -11.79 1.93
CA ASN A 97 5.92 -11.51 2.26
C ASN A 97 6.08 -11.29 3.77
N GLY A 98 5.11 -11.75 4.55
CA GLY A 98 5.17 -11.62 6.00
C GLY A 98 3.81 -11.38 6.62
N LYS A 99 3.35 -12.34 7.42
CA LYS A 99 2.01 -12.30 7.98
C LYS A 99 1.88 -11.25 9.08
N PRO A 100 0.65 -10.80 9.37
CA PRO A 100 0.45 -9.82 10.43
C PRO A 100 1.04 -10.31 11.76
N GLY A 101 1.77 -9.42 12.42
CA GLY A 101 2.36 -9.77 13.69
C GLY A 101 3.35 -8.73 14.19
N LEU A 102 3.74 -8.88 15.45
CA LEU A 102 4.75 -8.02 16.03
C LEU A 102 6.11 -8.24 15.35
N ARG A 103 6.84 -7.14 15.12
CA ARG A 103 8.21 -7.19 14.63
C ARG A 103 9.10 -6.52 15.68
N PRO A 104 9.31 -7.18 16.83
CA PRO A 104 9.99 -6.51 17.95
C PRO A 104 11.45 -6.20 17.68
N HIS A 105 12.04 -6.83 16.66
CA HIS A 105 13.41 -6.52 16.28
C HIS A 105 13.52 -5.12 15.64
N TYR A 106 12.38 -4.52 15.30
CA TYR A 106 12.35 -3.13 14.87
C TYR A 106 12.13 -2.23 16.10
N HIS A 107 10.97 -2.35 16.73
CA HIS A 107 10.75 -1.75 18.06
C HIS A 107 9.60 -2.50 18.76
N PRO A 108 9.46 -2.36 20.09
CA PRO A 108 8.54 -3.27 20.79
C PRO A 108 7.07 -3.21 20.34
N ASP A 109 6.64 -2.10 19.74
CA ASP A 109 5.23 -1.96 19.36
C ASP A 109 5.00 -2.00 17.85
N TYR A 110 6.01 -2.44 17.10
CA TYR A 110 5.92 -2.44 15.64
C TYR A 110 5.09 -3.64 15.20
N TYR A 111 3.92 -3.38 14.63
CA TYR A 111 3.03 -4.46 14.21
C TYR A 111 2.71 -4.25 12.74
N ALA A 112 3.01 -5.25 11.92
CA ALA A 112 2.97 -5.03 10.47
C ALA A 112 2.67 -6.30 9.70
N ALA A 113 2.40 -6.13 8.40
CA ALA A 113 2.24 -7.24 7.46
C ALA A 113 2.78 -6.76 6.11
N PHE A 114 3.21 -7.71 5.28
CA PHE A 114 3.89 -7.40 4.03
C PHE A 114 3.32 -8.25 2.90
N VAL A 115 3.00 -7.61 1.78
CA VAL A 115 2.44 -8.29 0.61
C VAL A 115 3.08 -7.73 -0.64
N LEU A 116 3.45 -8.59 -1.59
CA LEU A 116 4.00 -8.11 -2.86
C LEU A 116 2.87 -7.73 -3.80
N ASP A 117 3.03 -6.57 -4.44
CA ASP A 117 2.04 -6.11 -5.40
C ASP A 117 2.24 -6.85 -6.74
N PRO A 118 1.38 -6.60 -7.74
CA PRO A 118 1.53 -7.34 -9.00
C PRO A 118 2.88 -7.16 -9.72
N ASP A 119 3.62 -6.12 -9.37
CA ASP A 119 4.93 -5.86 -9.98
C ASP A 119 6.08 -6.29 -9.07
N GLY A 120 5.74 -6.90 -7.93
CA GLY A 120 6.75 -7.42 -7.01
C GLY A 120 7.20 -6.46 -5.93
N HIS A 121 6.60 -5.27 -5.87
CA HIS A 121 6.97 -4.29 -4.86
C HIS A 121 6.51 -4.73 -3.48
N ASN A 122 7.30 -4.38 -2.47
CA ASN A 122 7.09 -4.88 -1.12
C ASN A 122 6.20 -3.89 -0.35
N ILE A 123 4.91 -4.22 -0.28
CA ILE A 123 3.92 -3.30 0.30
C ILE A 123 3.59 -3.69 1.72
N GLU A 124 3.73 -2.73 2.63
CA GLU A 124 3.56 -2.98 4.05
C GLU A 124 2.49 -2.06 4.61
N VAL A 125 1.77 -2.55 5.60
CA VAL A 125 0.98 -1.68 6.47
C VAL A 125 1.46 -1.90 7.89
N VAL A 126 1.70 -0.81 8.61
CA VAL A 126 2.33 -0.87 9.91
C VAL A 126 1.60 0.01 10.92
N CYS A 127 1.35 -0.54 12.10
CA CYS A 127 0.92 0.24 13.24
C CYS A 127 2.09 0.30 14.23
N HIS A 128 2.36 1.49 14.78
CA HIS A 128 3.50 1.66 15.70
C HIS A 128 3.06 1.79 17.16
N LEU A 129 1.76 1.67 17.42
CA LEU A 129 1.19 1.95 18.73
C LEU A 129 0.96 0.69 19.56
N PRO A 130 1.08 0.80 20.89
CA PRO A 130 0.72 -0.34 21.73
C PRO A 130 -0.80 -0.53 21.78
N GLU A 131 -1.24 -1.77 21.94
CA GLU A 131 -2.65 -2.12 22.04
C GLU A 131 -2.83 -3.22 23.06
N1 GSH B . 9.43 -11.09 5.63
CA1 GSH B . 9.78 -9.97 6.50
C1 GSH B . 8.80 -9.89 7.70
O11 GSH B . 7.78 -10.60 7.63
O12 GSH B . 9.11 -9.13 8.65
CB1 GSH B . 9.67 -8.67 5.65
CG1 GSH B . 10.42 -7.52 6.35
CD1 GSH B . 10.57 -6.36 5.40
OE1 GSH B . 10.33 -6.39 4.20
N2 GSH B . 11.06 -5.20 5.98
CA2 GSH B . 11.25 -3.97 5.18
C2 GSH B . 12.35 -4.21 4.13
O2 GSH B . 12.37 -3.55 3.08
CB2 GSH B . 11.63 -2.79 6.06
SG2 GSH B . 10.36 -2.47 7.31
N3 GSH B . 13.28 -5.14 4.43
CA3 GSH B . 14.37 -5.46 3.52
C3 GSH B . 15.21 -6.56 4.21
O31 GSH B . 14.86 -6.88 5.38
O32 GSH B . 16.20 -7.03 3.59
ZN ZN C . 8.90 -1.20 6.19
C1 MRD D . 3.53 7.46 -12.46
C2 MRD D . 4.11 8.80 -12.12
O2 MRD D . 5.31 8.63 -11.36
CM MRD D . 4.49 9.58 -13.38
C3 MRD D . 3.02 9.59 -11.37
C4 MRD D . 3.51 10.97 -10.89
O4 MRD D . 4.66 10.90 -10.15
C5 MRD D . 2.40 11.67 -10.11
C1 MPD E . 12.25 -9.39 -3.06
C2 MPD E . 11.74 -9.61 -1.62
O2 MPD E . 10.58 -8.86 -1.48
CM MPD E . 11.46 -11.11 -1.41
C3 MPD E . 12.85 -9.19 -0.64
C4 MPD E . 13.06 -7.67 -0.70
O4 MPD E . 12.06 -6.96 -0.05
C5 MPD E . 14.45 -7.34 -0.13
#